data_7A1K
#
_entry.id   7A1K
#
_cell.length_a   86.181
_cell.length_b   86.181
_cell.length_c   148.898
_cell.angle_alpha   90.000
_cell.angle_beta   90.000
_cell.angle_gamma   90.000
#
_symmetry.space_group_name_H-M   'P 41 21 2'
#
loop_
_entity.id
_entity.type
_entity.pdbx_description
1 polymer 'Hypoxia-inducible factor 1-alpha inhibitor'
2 non-polymer 'ZINC ION'
3 non-polymer 3-((9,9-dimethyl-9H-fluoren-2-yl)methyl)-2-oxoglutarate
4 non-polymer 'SULFATE ION'
5 water water
#
_entity_poly.entity_id   1
_entity_poly.type   'polypeptide(L)'
_entity_poly.pdbx_seq_one_letter_code
;MAATAAEAVASGSGEPREEAGALGPAWDESQLRSYSFPTRPIPRLSQSDPRAEELIENEEPVVLTDTNLVYPALKWDLEY
LQENIGNGDFSVYSASTHKFLYYDEKKMANFQNFKPRSNREEMKFHEFVEKLQDIQQRGGEERLYLQQTLNDTVGRKIVM
DFLGFNWNWINKQQGKRGWGQLTSNLLLIGMEGNVTPAHYDEQQNFFAQIKGYKRCILFPPDQFECLYPYPVHHPCDRQS
QVDFDNPDYERFPNFQNVVGYETVVGPGDVLYIPMYWWHHIESLLNGGITITVNFWYKGAPTPKRIEYPLKAHQKVAIMR
NIEKMLGEALGNPQEVGPLLNTMIKGRYN
;
_entity_poly.pdbx_strand_id   A
#
loop_
_chem_comp.id
_chem_comp.type
_chem_comp.name
_chem_comp.formula
QVZ non-polymer 3-((9,9-dimethyl-9H-fluoren-2-yl)methyl)-2-oxoglutarate 'C21 H20 O5'
SO4 non-polymer 'SULFATE ION' 'O4 S -2'
ZN non-polymer 'ZINC ION' 'Zn 2'
#
# COMPACT_ATOMS: atom_id res chain seq x y z
N GLU A 15 -8.17 17.49 -10.31
CA GLU A 15 -9.30 17.15 -11.16
C GLU A 15 -8.95 15.99 -12.08
N PRO A 16 -9.95 15.42 -12.77
CA PRO A 16 -9.69 14.24 -13.59
C PRO A 16 -8.95 14.58 -14.88
N ARG A 17 -8.05 13.68 -15.29
CA ARG A 17 -7.36 13.83 -16.55
C ARG A 17 -8.23 13.30 -17.70
N GLU A 18 -7.96 13.80 -18.89
CA GLU A 18 -8.72 13.44 -20.08
C GLU A 18 -7.92 12.44 -20.93
N GLU A 19 -8.60 11.41 -21.41
CA GLU A 19 -7.95 10.43 -22.27
C GLU A 19 -7.67 11.02 -23.65
N ALA A 20 -6.58 10.55 -24.25
CA ALA A 20 -6.26 10.94 -25.62
C ALA A 20 -7.34 10.46 -26.58
N GLY A 21 -7.47 11.17 -27.70
CA GLY A 21 -8.47 10.81 -28.69
C GLY A 21 -9.87 11.28 -28.36
N ALA A 22 -10.02 12.23 -27.43
CA ALA A 22 -11.31 12.79 -27.08
C ALA A 22 -12.27 11.73 -26.53
N LEU A 23 -11.72 10.68 -25.93
CA LEU A 23 -12.54 9.60 -25.37
C LEU A 23 -13.20 9.99 -24.04
N GLY A 24 -13.09 11.25 -23.62
CA GLY A 24 -13.76 11.70 -22.43
C GLY A 24 -12.92 11.53 -21.18
N PRO A 25 -13.42 11.99 -20.04
CA PRO A 25 -12.67 11.82 -18.79
C PRO A 25 -12.60 10.34 -18.41
N ALA A 26 -11.40 9.88 -18.11
CA ALA A 26 -11.23 8.47 -17.76
C ALA A 26 -12.02 8.13 -16.51
N TRP A 27 -12.21 9.09 -15.62
CA TRP A 27 -12.99 8.89 -14.41
C TRP A 27 -13.59 10.24 -14.01
N ASP A 28 -14.55 10.19 -13.11
CA ASP A 28 -15.17 11.40 -12.58
C ASP A 28 -15.29 11.29 -11.06
N GLU A 29 -15.53 12.43 -10.43
CA GLU A 29 -15.44 12.53 -8.98
C GLU A 29 -16.44 11.62 -8.27
N SER A 30 -17.51 11.22 -8.94
CA SER A 30 -18.53 10.40 -8.30
C SER A 30 -17.99 9.01 -7.94
N GLN A 31 -16.85 8.61 -8.50
CA GLN A 31 -16.29 7.30 -8.23
C GLN A 31 -15.37 7.28 -7.02
N LEU A 32 -15.23 8.40 -6.31
CA LEU A 32 -14.37 8.48 -5.14
C LEU A 32 -15.22 8.38 -3.86
N ARG A 33 -14.75 7.59 -2.92
CA ARG A 33 -15.42 7.51 -1.62
C ARG A 33 -15.23 8.82 -0.85
N SER A 34 -16.17 9.12 0.03
CA SER A 34 -16.18 10.36 0.78
C SER A 34 -15.57 10.13 2.15
N TYR A 35 -14.69 11.04 2.56
CA TYR A 35 -13.99 10.95 3.84
C TYR A 35 -14.04 12.30 4.54
N SER A 36 -13.55 12.31 5.78
CA SER A 36 -13.75 13.43 6.68
C SER A 36 -12.61 14.45 6.67
N PHE A 37 -11.54 14.19 5.92
CA PHE A 37 -10.35 15.03 6.00
C PHE A 37 -10.09 15.71 4.66
N PRO A 38 -9.41 16.86 4.66
CA PRO A 38 -9.02 17.49 3.40
C PRO A 38 -7.77 16.83 2.82
N THR A 39 -7.50 17.15 1.56
CA THR A 39 -6.30 16.66 0.88
C THR A 39 -5.83 17.70 -0.10
N ARG A 40 -4.59 17.55 -0.57
CA ARG A 40 -4.10 18.33 -1.68
C ARG A 40 -3.37 17.37 -2.64
N PRO A 41 -3.31 17.71 -3.90
CA PRO A 41 -2.88 16.71 -4.91
C PRO A 41 -1.39 16.44 -4.87
N ILE A 42 -1.04 15.19 -5.09
CA ILE A 42 0.35 14.80 -5.38
C ILE A 42 0.74 15.33 -6.76
N PRO A 43 1.92 15.91 -6.92
CA PRO A 43 2.32 16.38 -8.25
C PRO A 43 2.47 15.23 -9.26
N ARG A 44 1.98 15.47 -10.47
CA ARG A 44 2.13 14.54 -11.60
C ARG A 44 3.14 15.17 -12.55
N LEU A 45 4.30 14.52 -12.70
CA LEU A 45 5.41 15.11 -13.42
C LEU A 45 6.03 14.09 -14.40
N SER A 46 6.81 14.60 -15.32
CA SER A 46 7.61 13.77 -16.19
C SER A 46 8.85 13.26 -15.47
N GLN A 47 9.21 12.04 -15.74
CA GLN A 47 10.46 11.47 -15.22
C GLN A 47 11.64 12.38 -15.49
N SER A 48 11.57 13.16 -16.58
CA SER A 48 12.66 14.05 -16.94
C SER A 48 12.61 15.38 -16.18
N ASP A 49 11.56 15.62 -15.42
CA ASP A 49 11.42 16.90 -14.71
C ASP A 49 12.34 16.90 -13.50
N PRO A 50 13.29 17.83 -13.39
CA PRO A 50 14.16 17.85 -12.20
C PRO A 50 13.39 17.98 -10.89
N ARG A 51 12.22 18.62 -10.91
CA ARG A 51 11.40 18.69 -9.72
C ARG A 51 11.01 17.29 -9.25
N ALA A 52 10.84 16.33 -10.20
CA ALA A 52 10.52 14.98 -9.78
C ALA A 52 11.70 14.33 -9.07
N GLU A 53 12.90 14.52 -9.60
CA GLU A 53 14.09 13.95 -8.96
C GLU A 53 14.29 14.55 -7.56
N GLU A 54 14.01 15.82 -7.40
CA GLU A 54 14.17 16.46 -6.08
C GLU A 54 13.12 15.95 -5.10
N LEU A 55 11.93 15.61 -5.57
CA LEU A 55 10.93 15.04 -4.67
C LEU A 55 11.35 13.64 -4.20
N ILE A 56 11.79 12.78 -5.12
CA ILE A 56 12.24 11.45 -4.72
C ILE A 56 13.43 11.54 -3.77
N GLU A 57 14.39 12.41 -4.09
CA GLU A 57 15.57 12.56 -3.24
C GLU A 57 15.18 13.02 -1.85
N ASN A 58 14.18 13.88 -1.74
CA ASN A 58 13.69 14.36 -0.44
C ASN A 58 12.62 13.46 0.15
N GLU A 59 12.43 12.27 -0.42
CA GLU A 59 11.48 11.29 0.11
C GLU A 59 10.08 11.90 0.25
N GLU A 60 9.62 12.53 -0.82
CA GLU A 60 8.25 13.03 -0.94
C GLU A 60 7.56 12.35 -2.12
N PRO A 61 6.27 12.09 -2.03
CA PRO A 61 5.60 11.35 -3.10
C PRO A 61 5.53 12.15 -4.39
N VAL A 62 5.55 11.43 -5.49
CA VAL A 62 5.37 12.02 -6.82
C VAL A 62 4.81 10.95 -7.73
N VAL A 63 3.91 11.36 -8.66
CA VAL A 63 3.41 10.49 -9.69
C VAL A 63 4.20 10.78 -10.97
N LEU A 64 4.89 9.78 -11.48
CA LEU A 64 5.65 9.89 -12.74
C LEU A 64 4.78 9.33 -13.86
N THR A 65 4.55 10.14 -14.88
CA THR A 65 3.60 9.79 -15.91
C THR A 65 4.23 9.10 -17.13
N ASP A 66 5.54 9.13 -17.28
CA ASP A 66 6.18 8.67 -18.51
C ASP A 66 7.44 7.86 -18.24
N THR A 67 7.36 6.92 -17.30
CA THR A 67 8.52 6.08 -17.02
C THR A 67 8.63 4.92 -18.03
N ASN A 68 7.51 4.45 -18.57
CA ASN A 68 7.44 3.19 -19.29
C ASN A 68 7.96 2.03 -18.44
N LEU A 69 7.87 2.17 -17.14
CA LEU A 69 8.40 1.17 -16.23
C LEU A 69 7.80 -0.21 -16.50
N VAL A 70 6.48 -0.27 -16.70
CA VAL A 70 5.82 -1.57 -16.92
C VAL A 70 5.11 -1.52 -18.26
N TYR A 71 5.70 -0.82 -19.22
CA TYR A 71 5.08 -0.67 -20.53
C TYR A 71 4.61 -1.98 -21.12
N PRO A 72 5.42 -3.06 -21.17
CA PRO A 72 4.93 -4.30 -21.77
C PRO A 72 3.73 -4.89 -21.07
N ALA A 73 3.48 -4.52 -19.81
CA ALA A 73 2.39 -5.10 -19.04
C ALA A 73 1.07 -4.37 -19.24
N LEU A 74 1.07 -3.24 -19.97
CA LEU A 74 -0.17 -2.49 -20.15
C LEU A 74 -1.18 -3.24 -20.98
N LYS A 75 -0.74 -4.21 -21.81
CA LYS A 75 -1.65 -5.07 -22.52
C LYS A 75 -2.28 -6.13 -21.64
N TRP A 76 -1.84 -6.26 -20.39
CA TRP A 76 -2.33 -7.32 -19.53
C TRP A 76 -3.83 -7.14 -19.25
N ASP A 77 -4.54 -8.25 -19.31
CA ASP A 77 -5.88 -8.38 -18.75
C ASP A 77 -6.03 -9.82 -18.27
N LEU A 78 -7.22 -10.14 -17.75
CA LEU A 78 -7.40 -11.47 -17.16
C LEU A 78 -7.24 -12.57 -18.20
N GLU A 79 -7.69 -12.32 -19.44
CA GLU A 79 -7.54 -13.33 -20.48
C GLU A 79 -6.07 -13.61 -20.77
N TYR A 80 -5.29 -12.54 -20.99
CA TYR A 80 -3.87 -12.71 -21.27
C TYR A 80 -3.15 -13.38 -20.11
N LEU A 81 -3.47 -12.97 -18.86
CA LEU A 81 -2.76 -13.50 -17.71
C LEU A 81 -3.09 -14.97 -17.47
N GLN A 82 -4.36 -15.34 -17.56
CA GLN A 82 -4.73 -16.74 -17.35
C GLN A 82 -4.02 -17.65 -18.32
N GLU A 83 -3.75 -17.17 -19.54
CA GLU A 83 -3.12 -18.01 -20.56
C GLU A 83 -1.63 -18.21 -20.28
N ASN A 84 -0.95 -17.16 -19.77
CA ASN A 84 0.50 -17.14 -19.75
C ASN A 84 1.13 -17.13 -18.38
N ILE A 85 0.38 -16.87 -17.31
CA ILE A 85 1.01 -16.68 -16.00
C ILE A 85 1.41 -17.98 -15.35
N GLY A 86 1.08 -19.11 -15.93
CA GLY A 86 1.50 -20.39 -15.40
C GLY A 86 0.52 -20.98 -14.40
N ASN A 87 0.90 -22.11 -13.84
CA ASN A 87 0.07 -22.87 -12.92
C ASN A 87 0.61 -22.81 -11.49
N GLY A 88 1.07 -21.65 -11.07
CA GLY A 88 1.49 -21.48 -9.70
C GLY A 88 0.33 -21.18 -8.78
N ASP A 89 0.61 -21.17 -7.48
CA ASP A 89 -0.39 -20.81 -6.49
C ASP A 89 -0.44 -19.30 -6.33
N PHE A 90 -1.65 -18.77 -6.20
CA PHE A 90 -1.88 -17.35 -6.05
C PHE A 90 -2.69 -17.09 -4.79
N SER A 91 -2.17 -16.23 -3.93
CA SER A 91 -2.89 -15.83 -2.73
C SER A 91 -4.04 -14.91 -3.10
N VAL A 92 -5.25 -15.27 -2.68
CA VAL A 92 -6.45 -14.48 -2.93
C VAL A 92 -7.13 -14.21 -1.60
N TYR A 93 -7.43 -12.93 -1.34
CA TYR A 93 -8.12 -12.53 -0.12
C TYR A 93 -9.57 -12.22 -0.43
N SER A 94 -10.46 -12.68 0.45
CA SER A 94 -11.88 -12.41 0.35
C SER A 94 -12.31 -11.51 1.50
N ALA A 95 -13.49 -10.91 1.36
CA ALA A 95 -14.05 -10.08 2.41
C ALA A 95 -15.49 -9.74 2.06
N SER A 96 -16.36 -9.78 3.07
CA SER A 96 -17.75 -9.36 2.90
C SER A 96 -17.87 -7.86 2.77
N THR A 97 -16.83 -7.11 3.11
CA THR A 97 -16.83 -5.66 3.07
C THR A 97 -15.84 -5.16 2.02
N HIS A 98 -15.95 -3.88 1.70
CA HIS A 98 -15.01 -3.26 0.78
C HIS A 98 -13.64 -3.02 1.41
N LYS A 99 -13.51 -3.17 2.72
CA LYS A 99 -12.22 -2.99 3.40
C LYS A 99 -11.50 -4.32 3.50
N PHE A 100 -10.29 -4.38 2.94
CA PHE A 100 -9.43 -5.56 3.03
C PHE A 100 -8.33 -5.27 4.05
N LEU A 101 -8.43 -5.91 5.22
CA LEU A 101 -7.53 -5.59 6.31
C LEU A 101 -6.14 -6.17 6.06
N TYR A 102 -5.11 -5.34 6.26
CA TYR A 102 -3.70 -5.67 5.99
C TYR A 102 -3.10 -6.19 7.29
N TYR A 103 -3.07 -7.52 7.43
CA TYR A 103 -2.72 -8.16 8.69
C TYR A 103 -1.59 -9.17 8.50
N ASP A 104 -1.02 -9.61 9.62
CA ASP A 104 0.17 -10.45 9.65
C ASP A 104 -0.19 -11.75 10.35
N GLU A 105 -0.15 -12.85 9.60
CA GLU A 105 -0.52 -14.15 10.18
C GLU A 105 0.49 -14.60 11.22
N LYS A 106 1.75 -14.19 11.09
CA LYS A 106 2.78 -14.65 12.03
C LYS A 106 2.54 -14.10 13.43
N LYS A 107 2.00 -12.89 13.54
CA LYS A 107 1.75 -12.26 14.83
C LYS A 107 0.43 -12.66 15.46
N MET A 108 -0.39 -13.45 14.76
CA MET A 108 -1.72 -13.79 15.27
C MET A 108 -1.66 -14.66 16.51
N ALA A 109 -0.49 -15.13 16.92
CA ALA A 109 -0.37 -15.86 18.17
C ALA A 109 -0.44 -14.93 19.37
N ASN A 110 0.16 -13.75 19.25
CA ASN A 110 0.18 -12.81 20.38
C ASN A 110 -1.22 -12.38 20.77
N PHE A 111 -2.13 -12.26 19.80
CA PHE A 111 -3.50 -11.81 20.03
C PHE A 111 -4.44 -12.92 19.56
N GLN A 112 -4.66 -13.90 20.45
CA GLN A 112 -5.58 -15.00 20.13
C GLN A 112 -7.04 -14.56 20.12
N ASN A 113 -7.33 -13.29 20.41
N ASN A 113 -7.33 -13.29 20.42
CA ASN A 113 -8.69 -12.78 20.37
CA ASN A 113 -8.67 -12.75 20.38
C ASN A 113 -8.95 -11.91 19.14
C ASN A 113 -8.99 -11.99 19.10
N PHE A 114 -8.06 -11.94 18.16
CA PHE A 114 -8.26 -11.21 16.91
C PHE A 114 -8.71 -12.21 15.85
N LYS A 115 -9.87 -11.93 15.25
CA LYS A 115 -10.40 -12.75 14.17
C LYS A 115 -10.43 -11.92 12.90
N PRO A 116 -9.61 -12.23 11.89
CA PRO A 116 -9.59 -11.39 10.68
C PRO A 116 -10.93 -11.42 9.95
N ARG A 117 -11.23 -10.33 9.26
CA ARG A 117 -12.38 -10.28 8.36
C ARG A 117 -12.03 -10.76 6.96
N SER A 118 -10.74 -10.74 6.59
CA SER A 118 -10.30 -11.19 5.27
C SER A 118 -9.79 -12.62 5.38
N ASN A 119 -10.48 -13.55 4.73
CA ASN A 119 -10.04 -14.93 4.65
C ASN A 119 -9.16 -15.09 3.41
N ARG A 120 -7.93 -15.55 3.61
CA ARG A 120 -7.04 -15.85 2.50
C ARG A 120 -7.28 -17.26 2.00
N GLU A 121 -7.26 -17.42 0.68
CA GLU A 121 -7.36 -18.74 0.06
C GLU A 121 -6.31 -18.82 -1.05
N GLU A 122 -5.56 -19.91 -1.08
CA GLU A 122 -4.55 -20.16 -2.10
C GLU A 122 -5.19 -20.97 -3.22
N MET A 123 -5.05 -20.48 -4.45
CA MET A 123 -5.70 -21.11 -5.59
C MET A 123 -4.89 -20.85 -6.85
N LYS A 124 -5.31 -21.50 -7.94
CA LYS A 124 -4.72 -21.29 -9.26
C LYS A 124 -5.39 -20.10 -9.94
N PHE A 125 -4.68 -19.52 -10.91
CA PHE A 125 -5.16 -18.29 -11.54
C PHE A 125 -6.50 -18.51 -12.22
N HIS A 126 -6.66 -19.63 -12.92
CA HIS A 126 -7.93 -19.90 -13.57
C HIS A 126 -9.07 -20.04 -12.56
N GLU A 127 -8.75 -20.53 -11.35
CA GLU A 127 -9.76 -20.62 -10.30
C GLU A 127 -10.12 -19.24 -9.79
N PHE A 128 -9.14 -18.34 -9.70
CA PHE A 128 -9.42 -16.96 -9.31
C PHE A 128 -10.35 -16.29 -10.32
N VAL A 129 -10.11 -16.51 -11.61
CA VAL A 129 -10.95 -15.89 -12.62
C VAL A 129 -12.35 -16.48 -12.58
N GLU A 130 -12.45 -17.78 -12.34
CA GLU A 130 -13.76 -18.43 -12.29
C GLU A 130 -14.57 -17.94 -11.09
N LYS A 131 -13.98 -18.00 -9.89
CA LYS A 131 -14.69 -17.51 -8.71
C LYS A 131 -15.11 -16.06 -8.89
N LEU A 132 -14.27 -15.26 -9.55
CA LEU A 132 -14.66 -13.89 -9.87
C LEU A 132 -15.81 -13.87 -10.86
N GLN A 133 -15.81 -14.79 -11.83
CA GLN A 133 -16.91 -14.88 -12.77
C GLN A 133 -18.21 -15.26 -12.06
N ASP A 134 -18.15 -16.30 -11.22
N ASP A 134 -18.15 -16.30 -11.22
CA ASP A 134 -19.34 -16.73 -10.49
CA ASP A 134 -19.35 -16.73 -10.49
C ASP A 134 -19.95 -15.57 -9.72
C ASP A 134 -19.97 -15.56 -9.72
N ILE A 135 -19.14 -14.84 -8.96
CA ILE A 135 -19.64 -13.69 -8.20
C ILE A 135 -20.35 -12.72 -9.13
N GLN A 136 -19.71 -12.37 -10.24
CA GLN A 136 -20.33 -11.46 -11.21
C GLN A 136 -21.63 -12.05 -11.76
N GLN A 137 -21.59 -13.32 -12.13
CA GLN A 137 -22.78 -13.97 -12.70
C GLN A 137 -23.96 -13.89 -11.73
N ARG A 138 -23.74 -14.31 -10.49
CA ARG A 138 -24.80 -14.34 -9.49
C ARG A 138 -24.98 -13.01 -8.77
N GLY A 139 -24.33 -11.94 -9.25
CA GLY A 139 -24.50 -10.63 -8.65
C GLY A 139 -24.21 -10.56 -7.18
N GLY A 140 -23.47 -11.53 -6.64
CA GLY A 140 -23.13 -11.54 -5.24
C GLY A 140 -22.38 -10.28 -4.84
N GLU A 141 -22.21 -10.13 -3.53
CA GLU A 141 -21.56 -8.96 -2.95
C GLU A 141 -20.21 -9.29 -2.31
N GLU A 142 -19.75 -10.53 -2.43
CA GLU A 142 -18.40 -10.88 -1.97
C GLU A 142 -17.37 -10.13 -2.81
N ARG A 143 -16.20 -9.89 -2.22
CA ARG A 143 -15.12 -9.16 -2.87
C ARG A 143 -13.83 -9.95 -2.77
N LEU A 144 -13.00 -9.83 -3.81
CA LEU A 144 -11.75 -10.57 -3.91
C LEU A 144 -10.60 -9.60 -4.19
N TYR A 145 -9.41 -10.00 -3.79
CA TYR A 145 -8.20 -9.23 -4.07
C TYR A 145 -7.03 -10.20 -4.18
N LEU A 146 -6.50 -10.35 -5.38
CA LEU A 146 -5.34 -11.19 -5.62
C LEU A 146 -4.06 -10.40 -5.34
N GLN A 147 -3.19 -10.95 -4.50
CA GLN A 147 -1.95 -10.29 -4.09
C GLN A 147 -0.90 -11.39 -3.99
N GLN A 148 -0.14 -11.58 -5.06
CA GLN A 148 0.85 -12.65 -5.13
C GLN A 148 2.18 -12.09 -5.58
N THR A 149 3.25 -12.45 -4.85
CA THR A 149 4.60 -12.05 -5.20
C THR A 149 5.03 -12.78 -6.49
N LEU A 150 5.30 -12.01 -7.53
CA LEU A 150 5.85 -12.60 -8.76
C LEU A 150 7.11 -13.40 -8.43
N ASN A 151 7.24 -14.56 -9.07
CA ASN A 151 8.35 -15.46 -8.78
C ASN A 151 8.68 -16.24 -10.05
N ASP A 152 9.35 -17.37 -9.90
CA ASP A 152 9.86 -18.11 -11.05
C ASP A 152 8.79 -18.88 -11.80
N THR A 153 7.70 -19.25 -11.13
CA THR A 153 6.72 -20.15 -11.71
C THR A 153 5.97 -19.56 -12.90
N VAL A 154 6.20 -18.29 -13.24
CA VAL A 154 5.41 -17.63 -14.27
C VAL A 154 5.85 -18.11 -15.64
N GLY A 155 4.92 -18.03 -16.60
CA GLY A 155 5.17 -18.57 -17.94
C GLY A 155 6.04 -17.66 -18.79
N ARG A 156 6.43 -18.20 -19.94
CA ARG A 156 7.47 -17.59 -20.75
C ARG A 156 7.06 -16.20 -21.25
N LYS A 157 5.80 -16.03 -21.63
CA LYS A 157 5.36 -14.73 -22.13
C LYS A 157 5.32 -13.69 -21.03
N ILE A 158 5.05 -14.11 -19.80
CA ILE A 158 5.08 -13.14 -18.69
C ILE A 158 6.53 -12.80 -18.35
N VAL A 159 7.41 -13.79 -18.39
CA VAL A 159 8.84 -13.52 -18.21
C VAL A 159 9.32 -12.50 -19.23
N MET A 160 8.90 -12.66 -20.50
CA MET A 160 9.28 -11.71 -21.52
C MET A 160 8.80 -10.30 -21.17
N ASP A 161 7.55 -10.16 -20.74
CA ASP A 161 7.04 -8.86 -20.32
C ASP A 161 7.83 -8.31 -19.14
N PHE A 162 8.08 -9.17 -18.13
CA PHE A 162 8.86 -8.75 -16.98
C PHE A 162 10.22 -8.22 -17.40
N LEU A 163 10.92 -8.98 -18.28
CA LEU A 163 12.22 -8.53 -18.76
C LEU A 163 12.12 -7.22 -19.52
N GLY A 164 10.97 -6.95 -20.14
CA GLY A 164 10.77 -5.72 -20.86
C GLY A 164 10.45 -4.49 -19.99
N PHE A 165 10.34 -4.64 -18.69
CA PHE A 165 10.18 -3.45 -17.84
C PHE A 165 11.40 -2.54 -18.02
N ASN A 166 11.25 -1.30 -17.59
CA ASN A 166 12.32 -0.30 -17.73
C ASN A 166 13.26 -0.42 -16.52
N TRP A 167 14.09 -1.45 -16.56
CA TRP A 167 15.06 -1.68 -15.48
C TRP A 167 16.19 -0.66 -15.56
N ASN A 168 16.50 -0.14 -16.74
CA ASN A 168 17.48 0.92 -16.85
C ASN A 168 17.09 2.10 -15.96
N TRP A 169 15.81 2.50 -15.99
CA TRP A 169 15.39 3.69 -15.24
C TRP A 169 15.32 3.39 -13.75
N ILE A 170 14.70 2.28 -13.36
CA ILE A 170 14.49 2.03 -11.95
C ILE A 170 15.80 1.62 -11.28
N ASN A 171 16.68 0.94 -12.00
CA ASN A 171 17.98 0.60 -11.43
C ASN A 171 18.83 1.84 -11.20
N LYS A 172 18.74 2.83 -12.08
CA LYS A 172 19.39 4.11 -11.83
C LYS A 172 18.82 4.79 -10.59
N GLN A 173 17.50 4.75 -10.43
CA GLN A 173 16.90 5.31 -9.22
C GLN A 173 17.44 4.61 -7.98
N GLN A 174 17.41 3.28 -7.98
CA GLN A 174 17.95 2.52 -6.86
C GLN A 174 19.39 2.94 -6.56
N GLY A 175 20.18 3.18 -7.61
CA GLY A 175 21.56 3.61 -7.42
C GLY A 175 21.66 5.04 -6.89
N LYS A 176 20.91 5.96 -7.50
CA LYS A 176 20.98 7.35 -7.10
C LYS A 176 20.60 7.52 -5.62
N ARG A 177 19.64 6.74 -5.13
CA ARG A 177 19.13 6.91 -3.79
C ARG A 177 19.87 6.04 -2.75
N GLY A 178 20.82 5.23 -3.17
CA GLY A 178 21.52 4.36 -2.24
C GLY A 178 20.65 3.27 -1.65
N TRP A 179 19.50 2.98 -2.26
CA TRP A 179 18.61 1.96 -1.73
C TRP A 179 19.28 0.59 -1.74
N GLY A 180 18.75 -0.30 -0.91
CA GLY A 180 19.14 -1.70 -0.94
C GLY A 180 18.58 -2.39 -2.17
N GLN A 181 18.49 -3.71 -2.13
CA GLN A 181 18.07 -4.45 -3.31
C GLN A 181 16.54 -4.47 -3.42
N LEU A 182 16.08 -4.68 -4.65
CA LEU A 182 14.66 -4.96 -4.89
C LEU A 182 14.23 -6.13 -4.03
N THR A 183 13.26 -5.91 -3.17
CA THR A 183 12.84 -6.95 -2.25
C THR A 183 11.81 -7.87 -2.91
N SER A 184 10.80 -7.31 -3.58
CA SER A 184 9.83 -8.14 -4.27
C SER A 184 8.98 -7.29 -5.21
N ASN A 185 8.32 -7.96 -6.13
CA ASN A 185 7.32 -7.38 -7.01
C ASN A 185 6.01 -8.09 -6.72
N LEU A 186 5.00 -7.33 -6.35
CA LEU A 186 3.68 -7.86 -6.10
C LEU A 186 2.80 -7.65 -7.34
N LEU A 187 2.10 -8.69 -7.75
CA LEU A 187 1.02 -8.58 -8.72
C LEU A 187 -0.27 -8.39 -7.94
N LEU A 188 -0.96 -7.27 -8.18
CA LEU A 188 -2.17 -6.94 -7.47
C LEU A 188 -3.32 -6.82 -8.45
N ILE A 189 -4.35 -7.64 -8.26
CA ILE A 189 -5.55 -7.60 -9.06
C ILE A 189 -6.73 -7.53 -8.11
N GLY A 190 -7.47 -6.41 -8.16
CA GLY A 190 -8.57 -6.20 -7.26
C GLY A 190 -9.85 -5.89 -8.02
N MET A 191 -10.95 -5.96 -7.30
CA MET A 191 -12.26 -5.60 -7.85
C MET A 191 -12.57 -4.14 -7.54
N GLU A 192 -13.38 -3.53 -8.39
CA GLU A 192 -13.81 -2.17 -8.21
C GLU A 192 -14.33 -1.96 -6.78
N GLY A 193 -14.01 -0.82 -6.20
CA GLY A 193 -14.44 -0.50 -4.86
C GLY A 193 -13.59 -1.07 -3.75
N ASN A 194 -12.70 -2.03 -4.04
CA ASN A 194 -11.81 -2.56 -3.02
C ASN A 194 -11.02 -1.44 -2.37
N VAL A 195 -10.78 -1.57 -1.06
CA VAL A 195 -10.03 -0.58 -0.29
C VAL A 195 -8.99 -1.31 0.54
N THR A 196 -7.74 -0.84 0.44
CA THR A 196 -6.70 -1.28 1.36
C THR A 196 -6.53 -0.20 2.41
N PRO A 197 -6.84 -0.45 3.69
CA PRO A 197 -6.85 0.61 4.67
C PRO A 197 -5.49 1.25 4.85
N ALA A 198 -5.51 2.43 5.44
CA ALA A 198 -4.29 3.22 5.65
C ALA A 198 -3.26 2.42 6.43
N HIS A 199 -2.03 2.42 5.93
CA HIS A 199 -0.92 1.74 6.54
C HIS A 199 0.36 2.31 5.98
N TYR A 200 1.48 2.00 6.64
CA TYR A 200 2.81 2.36 6.12
C TYR A 200 3.67 1.12 5.98
N ASP A 201 4.62 1.19 5.04
CA ASP A 201 5.55 0.10 4.79
C ASP A 201 6.95 0.55 5.13
N GLU A 202 7.78 -0.40 5.54
CA GLU A 202 9.18 -0.13 5.88
C GLU A 202 10.11 -0.29 4.68
N GLN A 203 9.59 -0.10 3.46
CA GLN A 203 10.38 -0.19 2.24
C GLN A 203 9.98 0.93 1.31
N GLN A 204 10.89 1.28 0.41
CA GLN A 204 10.61 2.21 -0.65
C GLN A 204 9.80 1.51 -1.74
N ASN A 205 8.83 2.22 -2.31
CA ASN A 205 7.85 1.61 -3.21
C ASN A 205 7.67 2.46 -4.45
N PHE A 206 7.94 1.88 -5.60
CA PHE A 206 7.47 2.42 -6.88
C PHE A 206 6.23 1.62 -7.26
N PHE A 207 5.10 2.30 -7.37
CA PHE A 207 3.75 1.71 -7.46
C PHE A 207 3.29 1.94 -8.88
N ALA A 208 3.30 0.87 -9.68
CA ALA A 208 3.15 0.98 -11.12
C ALA A 208 1.76 0.50 -11.54
N GLN A 209 0.92 1.45 -11.93
CA GLN A 209 -0.47 1.14 -12.30
C GLN A 209 -0.54 0.63 -13.73
N ILE A 210 -1.34 -0.42 -13.92
CA ILE A 210 -1.38 -1.15 -15.20
C ILE A 210 -2.76 -1.09 -15.83
N LYS A 211 -3.79 -1.48 -15.08
CA LYS A 211 -5.17 -1.49 -15.57
C LYS A 211 -6.10 -0.87 -14.54
N GLY A 212 -7.01 -0.02 -15.00
CA GLY A 212 -7.94 0.62 -14.13
C GLY A 212 -7.31 1.77 -13.37
N TYR A 213 -8.04 2.26 -12.39
CA TYR A 213 -7.68 3.47 -11.67
C TYR A 213 -7.78 3.24 -10.19
N LYS A 214 -6.76 3.69 -9.47
CA LYS A 214 -6.71 3.62 -8.01
C LYS A 214 -6.49 5.02 -7.45
N ARG A 215 -7.31 5.37 -6.46
CA ARG A 215 -7.12 6.60 -5.70
C ARG A 215 -6.18 6.31 -4.54
N CYS A 216 -5.11 7.08 -4.44
CA CYS A 216 -4.08 6.88 -3.44
C CYS A 216 -4.07 8.14 -2.54
N ILE A 217 -4.27 7.92 -1.25
CA ILE A 217 -4.26 8.99 -0.26
C ILE A 217 -3.09 8.73 0.69
N LEU A 218 -2.09 9.60 0.64
CA LEU A 218 -0.88 9.43 1.44
C LEU A 218 -0.84 10.45 2.58
N PHE A 219 -0.22 10.06 3.70
CA PHE A 219 0.02 10.95 4.80
C PHE A 219 1.47 10.88 5.22
N PRO A 220 2.13 12.01 5.47
CA PRO A 220 3.55 11.98 5.84
C PRO A 220 3.77 11.28 7.16
N PRO A 221 5.00 10.84 7.44
CA PRO A 221 5.26 10.14 8.70
C PRO A 221 5.02 10.98 9.94
N ASP A 222 5.11 12.32 9.84
CA ASP A 222 4.92 13.16 11.02
C ASP A 222 3.45 13.22 11.45
N GLN A 223 2.53 12.59 10.73
CA GLN A 223 1.16 12.45 11.16
C GLN A 223 0.90 11.16 11.89
N PHE A 224 1.97 10.51 12.39
CA PHE A 224 1.82 9.36 13.26
C PHE A 224 0.78 9.60 14.36
N GLU A 225 0.80 10.78 14.95
CA GLU A 225 -0.08 11.10 16.10
C GLU A 225 -1.56 11.07 15.71
N CYS A 226 -1.90 11.34 14.46
CA CYS A 226 -3.28 11.44 14.02
C CYS A 226 -3.86 10.13 13.50
N LEU A 227 -3.03 9.09 13.29
CA LEU A 227 -3.46 7.87 12.59
C LEU A 227 -3.44 6.64 13.47
N TYR A 228 -2.88 6.71 14.69
CA TYR A 228 -3.04 5.69 15.69
C TYR A 228 -2.80 4.26 15.19
N PRO A 229 -1.57 3.92 14.86
CA PRO A 229 -1.28 2.54 14.44
C PRO A 229 -1.51 1.55 15.59
N TYR A 230 -1.86 0.32 15.21
CA TYR A 230 -1.97 -0.78 16.16
C TYR A 230 -0.61 -0.98 16.87
N PRO A 231 -0.62 -1.70 18.00
CA PRO A 231 0.66 -2.09 18.61
C PRO A 231 1.53 -2.88 17.65
N VAL A 232 2.86 -2.78 17.86
CA VAL A 232 3.80 -3.44 16.97
C VAL A 232 3.57 -4.95 16.97
N HIS A 233 3.22 -5.51 18.10
CA HIS A 233 3.02 -6.95 18.21
C HIS A 233 1.62 -7.41 17.74
N HIS A 234 0.74 -6.48 17.43
CA HIS A 234 -0.58 -6.83 16.94
C HIS A 234 -0.49 -7.26 15.47
N PRO A 235 -1.34 -8.22 15.04
CA PRO A 235 -1.31 -8.63 13.63
C PRO A 235 -1.43 -7.51 12.62
N CYS A 236 -2.21 -6.47 12.94
CA CYS A 236 -2.37 -5.32 12.07
C CYS A 236 -1.34 -4.25 12.30
N ASP A 237 -0.20 -4.61 12.85
CA ASP A 237 0.95 -3.71 12.94
C ASP A 237 1.15 -2.93 11.66
N ARG A 238 1.33 -1.61 11.80
CA ARG A 238 1.57 -0.64 10.73
C ARG A 238 0.28 -0.20 10.08
N GLN A 239 -0.87 -0.76 10.45
CA GLN A 239 -2.15 -0.25 9.98
C GLN A 239 -2.73 0.78 10.97
N SER A 240 -3.50 1.72 10.43
CA SER A 240 -4.26 2.65 11.24
C SER A 240 -5.42 1.95 11.90
N GLN A 241 -5.66 2.27 13.17
CA GLN A 241 -6.85 1.79 13.88
C GLN A 241 -8.11 2.55 13.50
N VAL A 242 -7.98 3.67 12.81
CA VAL A 242 -9.14 4.53 12.57
C VAL A 242 -9.95 3.98 11.41
N ASP A 243 -11.24 3.80 11.62
CA ASP A 243 -12.16 3.41 10.54
C ASP A 243 -12.47 4.68 9.76
N PHE A 244 -11.86 4.81 8.59
CA PHE A 244 -12.03 6.01 7.78
C PHE A 244 -13.48 6.28 7.41
N ASP A 245 -14.34 5.25 7.40
CA ASP A 245 -15.75 5.48 7.07
C ASP A 245 -16.55 5.96 8.28
N ASN A 246 -16.12 5.61 9.50
CA ASN A 246 -16.80 6.04 10.72
C ASN A 246 -15.75 6.27 11.81
N PRO A 247 -15.03 7.38 11.75
CA PRO A 247 -13.91 7.59 12.67
C PRO A 247 -14.43 7.91 14.07
N ASP A 248 -13.90 7.20 15.06
CA ASP A 248 -14.26 7.38 16.45
C ASP A 248 -13.37 8.48 17.02
N TYR A 249 -13.88 9.71 17.00
CA TYR A 249 -13.09 10.86 17.44
C TYR A 249 -12.85 10.88 18.94
N GLU A 250 -13.61 10.10 19.72
CA GLU A 250 -13.38 10.01 21.14
C GLU A 250 -12.10 9.23 21.43
N ARG A 251 -11.87 8.12 20.70
CA ARG A 251 -10.64 7.37 20.88
C ARG A 251 -9.47 7.97 20.11
N PHE A 252 -9.75 8.60 18.96
CA PHE A 252 -8.71 9.05 18.04
C PHE A 252 -8.90 10.52 17.74
N PRO A 253 -8.80 11.37 18.76
CA PRO A 253 -9.14 12.78 18.55
C PRO A 253 -8.30 13.48 17.53
N ASN A 254 -6.99 13.15 17.44
CA ASN A 254 -6.14 13.86 16.50
C ASN A 254 -6.39 13.46 15.05
N PHE A 255 -7.28 12.52 14.79
CA PHE A 255 -7.65 12.24 13.40
C PHE A 255 -8.40 13.40 12.78
N GLN A 256 -8.97 14.31 13.61
CA GLN A 256 -9.57 15.51 13.08
C GLN A 256 -8.53 16.50 12.56
N ASN A 257 -7.25 16.23 12.74
CA ASN A 257 -6.19 17.09 12.25
C ASN A 257 -5.44 16.50 11.06
N VAL A 258 -5.87 15.33 10.57
CA VAL A 258 -5.15 14.66 9.48
C VAL A 258 -5.35 15.42 8.18
N VAL A 259 -4.29 15.50 7.39
CA VAL A 259 -4.35 16.08 6.04
CA VAL A 259 -4.35 16.08 6.04
C VAL A 259 -3.59 15.16 5.10
N GLY A 260 -4.24 14.79 3.99
CA GLY A 260 -3.67 13.83 3.07
C GLY A 260 -3.10 14.46 1.80
N TYR A 261 -2.33 13.63 1.07
CA TYR A 261 -1.84 13.92 -0.26
C TYR A 261 -2.48 12.89 -1.20
N GLU A 262 -3.20 13.38 -2.20
CA GLU A 262 -4.14 12.56 -2.96
C GLU A 262 -3.76 12.52 -4.43
N THR A 263 -4.07 11.41 -5.08
CA THR A 263 -3.95 11.30 -6.54
C THR A 263 -4.72 10.08 -7.01
N VAL A 264 -5.06 10.08 -8.29
CA VAL A 264 -5.61 8.91 -8.97
C VAL A 264 -4.59 8.49 -10.04
N VAL A 265 -4.10 7.28 -9.94
CA VAL A 265 -3.15 6.75 -10.91
C VAL A 265 -3.90 5.85 -11.88
N GLY A 266 -3.58 5.98 -13.15
CA GLY A 266 -4.12 5.12 -14.17
C GLY A 266 -3.01 4.40 -14.93
N PRO A 267 -3.40 3.64 -15.94
CA PRO A 267 -2.40 2.86 -16.71
C PRO A 267 -1.25 3.74 -17.17
N GLY A 268 -0.03 3.32 -16.85
CA GLY A 268 1.16 4.05 -17.22
C GLY A 268 1.73 4.94 -16.13
N ASP A 269 0.95 5.28 -15.11
CA ASP A 269 1.48 6.10 -14.03
C ASP A 269 2.27 5.25 -13.05
N VAL A 270 3.27 5.89 -12.46
CA VAL A 270 4.04 5.29 -11.35
C VAL A 270 4.05 6.26 -10.19
N LEU A 271 3.62 5.79 -9.05
CA LEU A 271 3.56 6.57 -7.83
C LEU A 271 4.71 6.17 -6.92
N TYR A 272 5.56 7.13 -6.57
CA TYR A 272 6.58 6.90 -5.55
C TYR A 272 5.93 7.04 -4.19
N ILE A 273 5.83 5.94 -3.46
CA ILE A 273 5.37 5.95 -2.09
C ILE A 273 6.61 5.85 -1.18
N PRO A 274 7.08 6.96 -0.59
CA PRO A 274 8.30 6.88 0.21
C PRO A 274 8.08 6.04 1.44
N MET A 275 9.17 5.43 1.89
CA MET A 275 9.12 4.56 3.08
C MET A 275 8.58 5.31 4.29
N TYR A 276 7.79 4.60 5.09
CA TYR A 276 7.12 5.11 6.30
C TYR A 276 5.94 6.02 6.00
N TRP A 277 5.69 6.36 4.74
CA TRP A 277 4.52 7.17 4.42
C TRP A 277 3.27 6.32 4.44
N TRP A 278 2.27 6.77 5.19
CA TRP A 278 0.96 6.13 5.18
C TRP A 278 0.36 6.23 3.79
N HIS A 279 -0.37 5.17 3.38
CA HIS A 279 -1.09 5.22 2.15
C HIS A 279 -2.40 4.47 2.31
N HIS A 280 -3.47 5.07 1.82
CA HIS A 280 -4.81 4.48 1.70
C HIS A 280 -5.09 4.34 0.23
N ILE A 281 -5.38 3.11 -0.22
CA ILE A 281 -5.47 2.80 -1.67
C ILE A 281 -6.83 2.15 -1.96
N GLU A 282 -7.57 2.72 -2.88
CA GLU A 282 -8.90 2.23 -3.23
C GLU A 282 -9.06 2.16 -4.74
N SER A 283 -9.56 1.03 -5.21
CA SER A 283 -9.94 0.89 -6.62
C SER A 283 -11.26 1.62 -6.86
N LEU A 284 -11.32 2.41 -7.92
CA LEU A 284 -12.41 3.34 -8.10
C LEU A 284 -13.75 2.61 -8.22
N LEU A 285 -14.78 3.21 -7.62
CA LEU A 285 -16.12 2.66 -7.70
C LEU A 285 -16.56 2.51 -9.15
N ASN A 286 -17.14 1.36 -9.49
CA ASN A 286 -17.67 1.10 -10.82
C ASN A 286 -16.62 1.32 -11.91
N GLY A 287 -15.34 1.15 -11.55
CA GLY A 287 -14.26 1.32 -12.49
C GLY A 287 -13.73 0.05 -13.12
N GLY A 288 -14.34 -1.09 -12.84
CA GLY A 288 -13.83 -2.35 -13.33
C GLY A 288 -12.69 -2.85 -12.45
N ILE A 289 -12.05 -3.92 -12.92
CA ILE A 289 -10.94 -4.48 -12.17
C ILE A 289 -9.72 -3.57 -12.30
N THR A 290 -8.84 -3.69 -11.32
CA THR A 290 -7.59 -2.93 -11.30
C THR A 290 -6.41 -3.89 -11.29
N ILE A 291 -5.33 -3.49 -11.95
CA ILE A 291 -4.10 -4.25 -11.93
C ILE A 291 -2.97 -3.31 -11.65
N THR A 292 -2.10 -3.71 -10.71
CA THR A 292 -0.94 -2.96 -10.32
C THR A 292 0.21 -3.93 -10.14
N VAL A 293 1.42 -3.44 -10.40
CA VAL A 293 2.64 -4.10 -9.93
C VAL A 293 3.44 -3.07 -9.14
N ASN A 294 3.87 -3.44 -7.95
CA ASN A 294 4.71 -2.55 -7.15
C ASN A 294 6.14 -3.07 -7.11
N PHE A 295 7.04 -2.19 -6.68
CA PHE A 295 8.48 -2.44 -6.64
C PHE A 295 8.97 -1.98 -5.26
N TRP A 296 9.27 -2.93 -4.38
CA TRP A 296 9.72 -2.62 -3.03
C TRP A 296 11.23 -2.74 -2.92
N TYR A 297 11.86 -1.71 -2.38
CA TYR A 297 13.30 -1.67 -2.17
C TYR A 297 13.60 -1.39 -0.71
N LYS A 298 14.60 -2.08 -0.17
CA LYS A 298 15.10 -1.72 1.15
C LYS A 298 15.65 -0.31 1.13
N GLY A 299 15.37 0.45 2.18
CA GLY A 299 15.86 1.80 2.26
C GLY A 299 17.38 1.85 2.34
N ALA A 300 17.94 3.00 2.03
CA ALA A 300 19.37 3.23 2.22
C ALA A 300 19.73 2.97 3.68
N PRO A 301 20.96 2.52 3.94
CA PRO A 301 21.36 2.25 5.34
C PRO A 301 21.41 3.53 6.15
N THR A 302 21.21 3.38 7.45
CA THR A 302 21.25 4.53 8.35
C THR A 302 22.68 5.07 8.41
N PRO A 303 22.89 6.38 8.26
CA PRO A 303 24.27 6.90 8.24
C PRO A 303 24.95 6.71 9.58
N LYS A 304 26.28 6.63 9.54
CA LYS A 304 27.04 6.43 10.77
C LYS A 304 26.93 7.64 11.70
N ARG A 305 27.03 8.85 11.14
CA ARG A 305 26.85 10.07 11.91
C ARG A 305 25.40 10.52 11.79
N ILE A 306 24.67 10.50 12.91
CA ILE A 306 23.27 10.89 12.90
C ILE A 306 23.19 12.41 12.98
N GLU A 307 22.48 13.01 12.04
CA GLU A 307 22.32 14.45 11.97
C GLU A 307 21.02 14.85 12.63
N TYR A 308 21.11 15.61 13.72
CA TYR A 308 19.91 16.15 14.35
C TYR A 308 19.56 17.49 13.75
N PRO A 309 18.27 17.86 13.70
CA PRO A 309 17.13 17.12 14.28
C PRO A 309 16.76 15.89 13.48
N LEU A 310 16.22 14.88 14.15
CA LEU A 310 15.82 13.66 13.47
C LEU A 310 14.64 13.90 12.54
N LYS A 311 14.54 13.06 11.52
CA LYS A 311 13.36 13.07 10.68
C LYS A 311 12.21 12.35 11.39
N ALA A 312 10.99 12.67 10.98
CA ALA A 312 9.81 12.03 11.56
C ALA A 312 9.92 10.51 11.50
N HIS A 313 10.42 9.96 10.38
CA HIS A 313 10.43 8.52 10.21
C HIS A 313 11.47 7.87 11.11
N GLN A 314 12.52 8.60 11.46
CA GLN A 314 13.48 8.09 12.44
C GLN A 314 12.85 7.95 13.82
N LYS A 315 11.98 8.90 14.19
CA LYS A 315 11.29 8.78 15.47
C LYS A 315 10.31 7.61 15.47
N VAL A 316 9.66 7.35 14.33
CA VAL A 316 8.81 6.17 14.22
C VAL A 316 9.61 4.91 14.42
N ALA A 317 10.80 4.85 13.83
CA ALA A 317 11.67 3.70 14.02
C ALA A 317 12.06 3.54 15.48
N ILE A 318 12.34 4.65 16.16
CA ILE A 318 12.66 4.59 17.59
C ILE A 318 11.49 4.00 18.36
N MET A 319 10.28 4.48 18.06
CA MET A 319 9.09 3.99 18.77
C MET A 319 8.90 2.51 18.54
N ARG A 320 9.03 2.08 17.29
CA ARG A 320 8.93 0.65 16.98
C ARG A 320 9.96 -0.15 17.76
N ASN A 321 11.21 0.33 17.80
CA ASN A 321 12.25 -0.43 18.51
C ASN A 321 11.96 -0.51 20.00
N ILE A 322 11.46 0.58 20.59
CA ILE A 322 11.11 0.55 22.01
C ILE A 322 10.04 -0.52 22.27
N GLU A 323 8.98 -0.51 21.45
CA GLU A 323 7.93 -1.51 21.63
C GLU A 323 8.48 -2.92 21.48
N LYS A 324 9.35 -3.14 20.49
CA LYS A 324 9.93 -4.47 20.30
C LYS A 324 10.76 -4.90 21.50
N MET A 325 11.67 -4.04 21.94
CA MET A 325 12.54 -4.42 23.07
C MET A 325 11.73 -4.65 24.33
N LEU A 326 10.71 -3.82 24.57
CA LEU A 326 9.88 -3.99 25.76
C LEU A 326 9.19 -5.35 25.73
N GLY A 327 8.75 -5.79 24.55
CA GLY A 327 8.14 -7.11 24.46
C GLY A 327 9.11 -8.22 24.76
N GLU A 328 10.36 -8.08 24.28
CA GLU A 328 11.36 -9.10 24.53
C GLU A 328 11.75 -9.12 26.01
N ALA A 329 11.98 -7.95 26.60
CA ALA A 329 12.46 -7.90 27.98
C ALA A 329 11.40 -8.42 28.95
N LEU A 330 10.15 -7.99 28.76
CA LEU A 330 9.07 -8.42 29.66
C LEU A 330 8.68 -9.86 29.43
N GLY A 331 9.10 -10.48 28.32
CA GLY A 331 8.73 -11.84 28.03
C GLY A 331 7.30 -12.04 27.59
N ASN A 332 6.59 -10.98 27.24
CA ASN A 332 5.21 -11.09 26.81
C ASN A 332 4.77 -9.75 26.19
N PRO A 333 4.36 -9.74 24.92
CA PRO A 333 3.94 -8.47 24.31
C PRO A 333 2.71 -7.87 24.97
N GLN A 334 1.92 -8.68 25.67
CA GLN A 334 0.72 -8.16 26.33
C GLN A 334 1.05 -7.23 27.50
N GLU A 335 2.25 -7.31 28.06
CA GLU A 335 2.65 -6.46 29.17
C GLU A 335 3.24 -5.14 28.71
N VAL A 336 3.42 -4.95 27.40
CA VAL A 336 4.00 -3.71 26.91
C VAL A 336 3.15 -2.50 27.30
N GLY A 337 1.85 -2.59 27.08
CA GLY A 337 0.95 -1.50 27.33
C GLY A 337 0.96 -1.06 28.79
N PRO A 338 0.73 -2.00 29.70
CA PRO A 338 0.74 -1.66 31.12
C PRO A 338 2.01 -0.97 31.59
N LEU A 339 3.18 -1.46 31.17
CA LEU A 339 4.42 -0.85 31.62
CA LEU A 339 4.42 -0.85 31.62
C LEU A 339 4.55 0.58 31.08
N LEU A 340 4.23 0.78 29.81
CA LEU A 340 4.34 2.12 29.25
C LEU A 340 3.43 3.12 29.97
N ASN A 341 2.20 2.71 30.31
CA ASN A 341 1.33 3.59 31.07
C ASN A 341 1.93 3.89 32.45
N THR A 342 2.41 2.86 33.13
CA THR A 342 3.08 3.05 34.41
C THR A 342 4.20 4.06 34.30
N MET A 343 4.94 4.04 33.18
CA MET A 343 6.07 4.94 33.01
CA MET A 343 6.07 4.94 33.01
C MET A 343 5.63 6.39 32.89
N ILE A 344 4.46 6.63 32.31
CA ILE A 344 4.07 8.00 31.97
C ILE A 344 3.07 8.61 32.93
N LYS A 345 2.14 7.83 33.46
CA LYS A 345 1.03 8.42 34.23
C LYS A 345 1.61 9.21 35.41
N GLY A 346 1.28 10.50 35.44
CA GLY A 346 1.75 11.37 36.49
C GLY A 346 3.22 11.71 36.42
N ARG A 347 3.90 11.34 35.36
CA ARG A 347 5.35 11.56 35.25
C ARG A 347 5.71 12.33 33.98
N TYR A 348 5.17 11.93 32.84
CA TYR A 348 5.41 12.63 31.57
C TYR A 348 4.11 13.15 30.93
N ASN A 349 2.98 13.03 31.62
CA ASN A 349 1.74 13.67 31.17
C ASN A 349 1.18 14.59 32.26
ZN ZN B . 1.50 -0.59 1.41
C10 QVZ C . -2.01 -4.77 -1.05
C13 QVZ C . -3.53 -6.41 0.27
C15 QVZ C . -1.95 -8.57 3.58
C17 QVZ C . -3.88 -8.10 2.20
C20 QVZ C . 1.53 -1.29 -1.17
C21 QVZ C . -3.08 -1.67 -2.90
C01 QVZ C . 0.20 -1.42 -0.95
C02 QVZ C . -0.71 -1.81 -2.08
C03 QVZ C . -0.51 -3.21 -2.33
C04 QVZ C . -2.16 -1.58 -1.70
C05 QVZ C . -0.75 -4.19 -1.22
C06 QVZ C . 0.27 -4.56 -0.34
C07 QVZ C . 0.03 -5.49 0.68
C08 QVZ C . -1.25 -6.07 0.84
C09 QVZ C . -2.24 -5.69 -0.03
C11 QVZ C . -1.76 -6.99 1.75
C12 QVZ C . -3.10 -7.22 1.46
C14 QVZ C . -1.17 -7.68 2.83
C16 QVZ C . -3.29 -8.77 3.27
C18 QVZ C . -4.64 -5.49 0.53
C19 QVZ C . -4.05 -7.31 -0.93
O01 QVZ C . -0.25 -1.20 0.16
O02 QVZ C . 2.29 -1.08 -0.29
O03 QVZ C . 1.99 -1.40 -2.43
O04 QVZ C . -2.74 -1.26 -3.99
O05 QVZ C . -4.31 -2.17 -2.76
H08 QVZ C . -2.79 -4.02 -1.10
H10 QVZ C . -1.51 -9.10 4.41
H12 QVZ C . -4.92 -8.26 1.95
H01 QVZ C . -0.49 -1.23 -2.96
H02 QVZ C . 0.52 -3.34 -2.66
H03 QVZ C . -1.18 -3.50 -3.14
H04 QVZ C . -2.26 -0.59 -1.27
H05 QVZ C . -2.46 -2.32 -0.98
H06 QVZ C . 0.85 -3.71 -0.01
H07 QVZ C . 0.82 -6.24 0.74
H09 QVZ C . -0.13 -7.52 3.07
H11 QVZ C . -3.89 -9.46 3.86
H14 QVZ C . -4.94 -5.01 -0.40
H13 QVZ C . -4.33 -4.74 1.24
H15 QVZ C . -5.48 -6.05 0.93
H18 QVZ C . -3.73 -6.89 -1.87
H16 QVZ C . -5.14 -7.35 -0.90
H17 QVZ C . -3.65 -8.31 -0.82
S SO4 D . -22.35 -13.50 -1.84
O1 SO4 D . -23.15 -12.40 -1.31
O2 SO4 D . -21.28 -12.96 -2.67
O3 SO4 D . -23.20 -14.37 -2.66
O4 SO4 D . -21.79 -14.27 -0.74
S SO4 E . -18.56 -0.51 -6.35
O1 SO4 E . -19.48 0.61 -6.50
O2 SO4 E . -17.43 -0.33 -7.26
O3 SO4 E . -19.24 -1.76 -6.67
O4 SO4 E . -18.07 -0.56 -4.97
S SO4 F . 10.21 15.12 8.14
O1 SO4 F . 11.59 14.68 8.05
O2 SO4 F . 10.03 16.36 7.39
O3 SO4 F . 9.88 15.37 9.55
O4 SO4 F . 9.33 14.09 7.61
S SO4 G . 8.36 -6.67 12.73
O1 SO4 G . 8.81 -5.37 12.21
O2 SO4 G . 7.79 -7.46 11.64
O3 SO4 G . 9.50 -7.40 13.31
O4 SO4 G . 7.34 -6.47 13.76
#